data_3TDG
#
_entry.id   3TDG
#
_cell.length_a   86.767
_cell.length_b   86.767
_cell.length_c   85.508
_cell.angle_alpha   90.00
_cell.angle_beta   90.00
_cell.angle_gamma   120.00
#
_symmetry.space_group_name_H-M   'P 32 2 1'
#
loop_
_entity.id
_entity.type
_entity.pdbx_description
1 polymer 'Putative uncharacterized protein'
2 non-polymer GLYCEROL
3 non-polymer 'FORMIC ACID'
4 non-polymer 'HEXAETHYLENE GLYCOL'
5 water water
#
_entity_poly.entity_id   1
_entity_poly.type   'polypeptide(L)'
_entity_poly.pdbx_seq_one_letter_code
;MILRASVLSALLLVGLGAAPKHSVSANDKRMQDNLVSVIEKQTNKKVRILEIKPLKSSQDLKMVVIEDPDTKYNIPLVVS
KDGNLIIGLSNIFFSNKSDDVQLVAETNQKVQALNATQQNSAKLNAIFNEIPADYAIELPSTNAANKDKILYIVSDPMCP
HCQKELTKLRDHLKENTVRMVVVGWLGVNSAKKAALIQEEMAKARARGASVEDKISILEKIYSTQYDINAQKEPEDLRTK
VENTTKKIFESGVIKGVPFLYHYKALEHHHHHH
;
_entity_poly.pdbx_strand_id   A
#
# COMPACT_ATOMS: atom_id res chain seq x y z
N GLN A 32 21.53 22.72 7.10
CA GLN A 32 22.21 22.94 8.36
C GLN A 32 22.69 21.68 9.03
N ASP A 33 23.98 21.48 9.05
CA ASP A 33 24.52 20.32 9.65
C ASP A 33 24.30 20.32 11.14
N ASN A 34 24.25 21.48 11.75
CA ASN A 34 24.13 21.47 13.18
C ASN A 34 22.80 20.93 13.69
N LEU A 35 21.72 21.30 13.05
CA LEU A 35 20.43 20.83 13.48
C LEU A 35 20.34 19.33 13.29
N VAL A 36 20.79 18.86 12.15
CA VAL A 36 20.80 17.44 11.86
C VAL A 36 21.59 16.70 12.91
N SER A 37 22.69 17.27 13.32
CA SER A 37 23.54 16.61 14.24
C SER A 37 23.00 16.66 15.66
N VAL A 38 22.34 17.75 16.00
CA VAL A 38 21.72 17.84 17.28
C VAL A 38 20.61 16.80 17.42
N ILE A 39 19.85 16.60 16.37
CA ILE A 39 18.80 15.63 16.42
C ILE A 39 19.37 14.23 16.45
N GLU A 40 20.35 13.97 15.61
CA GLU A 40 20.94 12.66 15.56
C GLU A 40 21.44 12.15 16.91
N LYS A 41 22.14 12.99 17.65
CA LYS A 41 22.74 12.57 18.92
C LYS A 41 21.70 12.12 19.95
N GLN A 42 20.56 12.81 19.99
CA GLN A 42 19.55 12.48 20.99
C GLN A 42 18.34 11.68 20.47
N THR A 43 18.36 11.25 19.21
CA THR A 43 17.31 10.35 18.73
C THR A 43 17.87 9.15 17.97
N ASN A 44 19.14 9.26 17.59
CA ASN A 44 19.73 8.37 16.60
C ASN A 44 18.96 8.30 15.27
N LYS A 45 18.32 9.40 14.91
CA LYS A 45 17.72 9.55 13.58
C LYS A 45 18.43 10.67 12.83
N LYS A 46 18.95 10.34 11.66
CA LYS A 46 19.54 11.34 10.78
C LYS A 46 18.46 11.85 9.83
N VAL A 47 17.97 13.07 10.09
CA VAL A 47 16.85 13.65 9.33
C VAL A 47 17.35 14.28 8.03
N ARG A 48 16.48 14.35 7.04
CA ARG A 48 16.79 15.04 5.80
C ARG A 48 16.04 16.36 5.77
N ILE A 49 16.73 17.46 5.48
CA ILE A 49 16.09 18.78 5.44
C ILE A 49 15.40 18.99 4.09
N LEU A 50 14.10 19.34 4.11
CA LEU A 50 13.34 19.51 2.87
C LEU A 50 13.04 20.97 2.50
N GLU A 51 12.87 21.83 3.50
CA GLU A 51 12.36 23.18 3.28
C GLU A 51 12.81 24.11 4.40
N ILE A 52 13.28 25.30 4.02
CA ILE A 52 13.60 26.35 5.01
C ILE A 52 12.91 27.66 4.63
N LYS A 53 12.18 28.26 5.57
CA LYS A 53 11.45 29.51 5.32
C LYS A 53 11.64 30.49 6.48
N PRO A 54 11.72 31.77 6.23
CA PRO A 54 11.90 32.74 7.31
C PRO A 54 10.61 33.09 8.00
N LEU A 55 10.67 33.61 9.22
CA LEU A 55 9.49 34.12 9.89
C LEU A 55 9.56 35.63 10.06
N LYS A 56 8.49 36.30 9.70
CA LYS A 56 8.43 37.74 9.82
C LYS A 56 8.60 38.09 11.26
N SER A 57 8.22 37.15 12.09
CA SER A 57 7.98 37.39 13.47
C SER A 57 9.24 37.26 14.34
N SER A 58 10.29 36.68 13.80
CA SER A 58 11.54 36.59 14.51
C SER A 58 12.73 36.65 13.60
N GLN A 59 13.83 37.18 14.09
CA GLN A 59 15.01 37.24 13.26
C GLN A 59 15.90 36.03 13.46
N ASP A 60 15.87 35.42 14.63
CA ASP A 60 16.71 34.26 14.84
C ASP A 60 16.04 32.96 14.41
N LEU A 61 14.74 32.89 14.47
CA LEU A 61 14.01 31.65 14.19
C LEU A 61 13.59 31.46 12.74
N LYS A 62 13.84 30.26 12.22
CA LYS A 62 13.39 29.87 10.88
C LYS A 62 12.44 28.67 10.92
N MET A 63 11.60 28.55 9.89
CA MET A 63 10.72 27.41 9.73
C MET A 63 11.42 26.36 8.89
N VAL A 64 11.55 25.14 9.45
CA VAL A 64 12.21 24.03 8.77
C VAL A 64 11.31 22.81 8.75
N VAL A 65 11.16 22.18 7.59
CA VAL A 65 10.51 20.88 7.47
C VAL A 65 11.58 19.83 7.19
N ILE A 66 11.51 18.71 7.91
CA ILE A 66 12.45 17.61 7.79
C ILE A 66 11.71 16.33 7.48
N GLU A 67 12.43 15.32 6.96
CA GLU A 67 11.87 14.00 6.75
C GLU A 67 12.47 13.04 7.77
N ASP A 68 11.61 12.33 8.51
CA ASP A 68 12.06 11.30 9.44
C ASP A 68 12.57 10.10 8.60
N PRO A 69 13.82 9.65 8.82
CA PRO A 69 14.33 8.61 7.90
C PRO A 69 13.67 7.23 8.10
N ASP A 70 12.95 7.02 9.19
CA ASP A 70 12.28 5.74 9.45
C ASP A 70 10.85 5.72 8.91
N THR A 71 10.04 6.71 9.30
CA THR A 71 8.63 6.76 8.93
C THR A 71 8.39 7.47 7.59
N LYS A 72 9.38 8.23 7.15
CA LYS A 72 9.27 9.15 5.99
C LYS A 72 8.26 10.30 6.22
N TYR A 73 7.73 10.41 7.45
CA TYR A 73 6.87 11.54 7.81
C TYR A 73 7.61 12.86 7.69
N ASN A 74 6.91 13.87 7.17
CA ASN A 74 7.45 15.22 7.10
C ASN A 74 7.08 15.94 8.38
N ILE A 75 8.07 16.53 9.03
CA ILE A 75 7.88 17.13 10.35
C ILE A 75 8.31 18.59 10.28
N PRO A 76 7.38 19.51 10.59
CA PRO A 76 7.67 20.94 10.65
C PRO A 76 8.23 21.40 11.99
N LEU A 77 9.24 22.26 11.92
CA LEU A 77 10.00 22.73 13.07
C LEU A 77 10.23 24.24 13.02
N VAL A 78 10.43 24.82 14.19
CA VAL A 78 11.07 26.14 14.28
C VAL A 78 12.48 25.90 14.81
N VAL A 79 13.46 26.47 14.12
CA VAL A 79 14.88 26.21 14.41
C VAL A 79 15.65 27.54 14.51
N SER A 80 16.52 27.66 15.51
CA SER A 80 17.39 28.82 15.64
C SER A 80 18.42 28.90 14.49
N LYS A 81 19.01 30.09 14.33
CA LYS A 81 20.03 30.36 13.30
C LYS A 81 21.22 29.41 13.37
N ASP A 82 21.72 29.15 14.56
CA ASP A 82 22.86 28.24 14.71
C ASP A 82 22.45 26.74 14.66
N GLY A 83 21.14 26.45 14.56
CA GLY A 83 20.65 25.07 14.50
C GLY A 83 20.70 24.33 15.82
N ASN A 84 20.89 25.06 16.92
CA ASN A 84 21.05 24.48 18.25
C ASN A 84 19.77 24.36 19.08
N LEU A 85 18.69 25.00 18.63
CA LEU A 85 17.40 24.91 19.29
C LEU A 85 16.35 24.53 18.25
N ILE A 86 15.56 23.51 18.56
CA ILE A 86 14.66 22.91 17.60
C ILE A 86 13.36 22.65 18.34
N ILE A 87 12.28 23.24 17.83
CA ILE A 87 10.96 23.11 18.45
C ILE A 87 9.99 22.62 17.39
N GLY A 88 9.26 21.54 17.69
CA GLY A 88 8.26 21.04 16.75
C GLY A 88 7.10 22.01 16.60
N LEU A 89 6.65 22.24 15.37
CA LEU A 89 5.47 23.08 15.10
C LEU A 89 4.21 22.26 15.23
N SER A 90 3.13 22.93 15.61
CA SER A 90 1.82 22.29 15.78
C SER A 90 0.78 23.37 15.50
N ASN A 91 -0.49 23.04 15.76
CA ASN A 91 -1.58 24.01 15.73
C ASN A 91 -1.46 25.07 16.80
N ILE A 92 -0.73 24.80 17.88
CA ILE A 92 -0.51 25.82 18.90
C ILE A 92 0.62 26.72 18.41
N PHE A 93 0.22 27.71 17.61
CA PHE A 93 1.12 28.70 17.03
C PHE A 93 0.38 30.04 16.91
N PHE A 94 0.91 31.08 17.50
CA PHE A 94 0.28 32.40 17.39
C PHE A 94 1.32 33.43 17.15
N SER A 95 0.95 34.42 16.34
CA SER A 95 1.82 35.54 16.06
C SER A 95 1.00 36.80 15.81
N ASN A 96 1.56 37.97 16.15
CA ASN A 96 0.95 39.23 15.68
C ASN A 96 1.10 39.39 14.17
N LYS A 97 2.00 38.60 13.55
CA LYS A 97 2.16 38.63 12.08
C LYS A 97 1.29 37.57 11.43
N SER A 98 0.25 38.01 10.76
CA SER A 98 -0.69 37.14 10.05
C SER A 98 -0.04 36.24 8.98
N ASP A 99 1.02 36.72 8.35
CA ASP A 99 1.75 35.94 7.33
C ASP A 99 2.39 34.68 7.94
N ASP A 100 2.91 34.79 9.16
CA ASP A 100 3.53 33.65 9.84
C ASP A 100 2.49 32.60 10.23
N VAL A 101 1.37 33.05 10.80
CA VAL A 101 0.21 32.22 11.13
C VAL A 101 -0.24 31.44 9.90
N GLN A 102 -0.26 32.15 8.76
CA GLN A 102 -0.64 31.57 7.48
C GLN A 102 0.40 30.56 6.99
N LEU A 103 1.67 30.95 7.00
CA LEU A 103 2.76 30.06 6.60
C LEU A 103 2.69 28.72 7.36
N VAL A 104 2.57 28.82 8.68
CA VAL A 104 2.48 27.66 9.56
C VAL A 104 1.23 26.82 9.24
N ALA A 105 0.09 27.47 9.01
CA ALA A 105 -1.14 26.79 8.66
C ALA A 105 -1.01 26.00 7.36
N GLU A 106 -0.46 26.64 6.33
CA GLU A 106 -0.21 26.00 5.04
C GLU A 106 0.77 24.82 5.18
N THR A 107 1.81 25.03 5.99
CA THR A 107 2.83 24.02 6.22
C THR A 107 2.23 22.83 6.95
N ASN A 108 1.61 23.06 8.11
CA ASN A 108 0.93 22.00 8.84
C ASN A 108 -0.01 21.19 7.94
N GLN A 109 -0.87 21.87 7.19
CA GLN A 109 -1.84 21.19 6.32
C GLN A 109 -1.17 20.38 5.20
N LYS A 110 -0.12 20.92 4.60
CA LYS A 110 0.64 20.23 3.55
C LYS A 110 1.28 18.93 4.09
N VAL A 111 2.01 19.02 5.20
CA VAL A 111 2.64 17.83 5.82
C VAL A 111 1.60 16.79 6.32
N GLN A 112 0.48 17.25 6.86
CA GLN A 112 -0.57 16.33 7.30
C GLN A 112 -1.16 15.54 6.14
N ALA A 113 -1.25 16.16 4.96
CA ALA A 113 -1.74 15.48 3.76
C ALA A 113 -0.72 14.47 3.22
N LEU A 114 0.55 14.87 3.17
CA LEU A 114 1.64 13.97 2.79
C LEU A 114 1.80 12.79 3.74
N ASN A 115 1.70 13.04 5.05
CA ASN A 115 1.88 11.99 6.07
C ASN A 115 0.71 11.03 6.10
N ALA A 116 -0.50 11.54 5.89
CA ALA A 116 -1.68 10.69 5.75
C ALA A 116 -1.53 9.68 4.59
N THR A 117 -1.02 10.15 3.44
CA THR A 117 -0.74 9.28 2.29
C THR A 117 0.37 8.26 2.58
N GLN A 118 1.44 8.73 3.23
CA GLN A 118 2.57 7.87 3.58
C GLN A 118 2.10 6.74 4.51
N GLN A 119 1.30 7.09 5.51
CA GLN A 119 0.76 6.13 6.46
C GLN A 119 -0.14 5.13 5.75
N ASN A 120 -0.92 5.62 4.79
CA ASN A 120 -1.79 4.75 4.04
C ASN A 120 -0.99 3.74 3.19
N SER A 121 0.07 4.21 2.53
CA SER A 121 0.94 3.31 1.77
C SER A 121 1.57 2.23 2.65
N ALA A 122 2.08 2.65 3.82
CA ALA A 122 2.71 1.71 4.75
C ALA A 122 1.70 0.68 5.30
N LYS A 123 0.47 1.11 5.53
CA LYS A 123 -0.58 0.18 5.94
C LYS A 123 -0.88 -0.85 4.85
N LEU A 124 -0.88 -0.40 3.60
CA LEU A 124 -1.09 -1.26 2.43
C LEU A 124 0.02 -2.30 2.27
N ASN A 125 1.28 -1.82 2.24
CA ASN A 125 2.44 -2.69 2.29
C ASN A 125 2.36 -3.74 3.38
N ALA A 126 1.93 -3.35 4.58
CA ALA A 126 1.78 -4.31 5.68
C ALA A 126 0.66 -5.33 5.42
N ILE A 127 -0.46 -4.87 4.85
CA ILE A 127 -1.52 -5.79 4.45
C ILE A 127 -0.98 -6.86 3.49
N PHE A 128 -0.31 -6.42 2.43
CA PHE A 128 0.20 -7.36 1.44
C PHE A 128 1.36 -8.26 1.91
N ASN A 129 2.14 -7.78 2.88
CA ASN A 129 3.22 -8.56 3.48
C ASN A 129 2.71 -9.60 4.45
N GLU A 130 1.51 -9.39 4.97
CA GLU A 130 0.90 -10.30 5.93
C GLU A 130 0.12 -11.47 5.28
N ILE A 131 -0.11 -11.40 3.97
CA ILE A 131 -0.82 -12.49 3.24
C ILE A 131 0.10 -13.74 3.14
N PRO A 132 -0.43 -14.95 3.45
CA PRO A 132 0.46 -16.13 3.35
C PRO A 132 1.21 -16.15 2.03
N ALA A 133 2.46 -16.62 2.09
CA ALA A 133 3.38 -16.53 0.95
C ALA A 133 2.96 -17.29 -0.30
N ASP A 134 2.19 -18.36 -0.11
CA ASP A 134 1.70 -19.14 -1.26
C ASP A 134 0.32 -18.65 -1.77
N TYR A 135 -0.26 -17.67 -1.08
CA TYR A 135 -1.64 -17.28 -1.35
C TYR A 135 -1.79 -16.52 -2.68
N ALA A 136 -0.95 -15.50 -2.89
CA ALA A 136 -1.03 -14.68 -4.11
C ALA A 136 -0.61 -15.51 -5.29
N ILE A 137 -1.21 -15.23 -6.45
CA ILE A 137 -0.83 -15.87 -7.69
C ILE A 137 0.03 -14.89 -8.44
N GLU A 138 1.33 -15.17 -8.47
CA GLU A 138 2.27 -14.27 -9.11
C GLU A 138 2.51 -14.67 -10.57
N LEU A 139 2.18 -13.75 -11.48
CA LEU A 139 2.39 -13.96 -12.91
C LEU A 139 3.44 -12.98 -13.44
N PRO A 140 4.64 -13.48 -13.80
CA PRO A 140 5.72 -12.60 -14.29
C PRO A 140 5.34 -11.92 -15.61
N SER A 141 5.75 -10.66 -15.78
CA SER A 141 5.44 -9.93 -17.02
C SER A 141 5.88 -10.69 -18.26
N THR A 142 5.13 -10.56 -19.34
CA THR A 142 5.49 -11.14 -20.63
C THR A 142 6.77 -10.50 -21.16
N ASN A 143 7.08 -9.29 -20.65
CA ASN A 143 8.31 -8.58 -20.97
C ASN A 143 9.28 -8.61 -19.80
N ALA A 144 10.42 -9.30 -19.98
CA ALA A 144 11.41 -9.54 -18.91
C ALA A 144 11.98 -8.27 -18.27
N ALA A 145 11.97 -7.18 -19.04
CA ALA A 145 12.41 -5.87 -18.58
C ALA A 145 11.58 -5.35 -17.39
N ASN A 146 10.31 -5.76 -17.38
CA ASN A 146 9.32 -5.23 -16.44
C ASN A 146 9.02 -6.13 -15.24
N LYS A 147 9.74 -7.25 -15.16
CA LYS A 147 9.52 -8.27 -14.11
C LYS A 147 9.56 -7.74 -12.68
N ASP A 148 10.27 -6.64 -12.46
CA ASP A 148 10.43 -6.06 -11.11
C ASP A 148 9.30 -5.09 -10.71
N LYS A 149 8.44 -4.76 -11.67
CA LYS A 149 7.36 -3.82 -11.41
C LYS A 149 6.12 -4.57 -10.90
N ILE A 150 5.85 -4.44 -9.61
CA ILE A 150 4.86 -5.27 -8.92
C ILE A 150 3.48 -4.61 -8.83
N LEU A 151 2.48 -5.27 -9.43
CA LEU A 151 1.08 -4.84 -9.32
C LEU A 151 0.23 -5.85 -8.55
N TYR A 152 -0.23 -5.45 -7.37
CA TYR A 152 -1.17 -6.25 -6.61
C TYR A 152 -2.60 -6.00 -7.09
N ILE A 153 -3.35 -7.06 -7.32
CA ILE A 153 -4.77 -6.97 -7.67
C ILE A 153 -5.62 -7.78 -6.69
N VAL A 154 -6.38 -7.12 -5.83
CA VAL A 154 -7.29 -7.82 -4.92
C VAL A 154 -8.61 -7.98 -5.68
N SER A 155 -9.07 -9.23 -5.78
CA SER A 155 -10.10 -9.61 -6.72
C SER A 155 -11.01 -10.72 -6.16
N ASP A 156 -12.32 -10.57 -6.37
CA ASP A 156 -13.32 -11.54 -5.91
C ASP A 156 -13.86 -12.25 -7.17
N PRO A 157 -13.89 -13.59 -7.15
CA PRO A 157 -14.32 -14.34 -8.34
C PRO A 157 -15.84 -14.30 -8.62
N MET A 158 -16.64 -13.73 -7.72
CA MET A 158 -18.09 -13.54 -7.96
C MET A 158 -18.44 -12.08 -8.27
N CYS A 159 -17.45 -11.30 -8.69
CA CYS A 159 -17.69 -9.88 -8.86
C CYS A 159 -17.55 -9.55 -10.34
N PRO A 160 -18.63 -9.06 -10.97
CA PRO A 160 -18.54 -8.70 -12.39
C PRO A 160 -17.46 -7.67 -12.71
N HIS A 161 -17.24 -6.70 -11.83
CA HIS A 161 -16.14 -5.76 -12.07
C HIS A 161 -14.76 -6.41 -12.03
N CYS A 162 -14.61 -7.42 -11.17
CA CYS A 162 -13.37 -8.21 -11.13
C CYS A 162 -13.23 -9.10 -12.37
N GLN A 163 -14.37 -9.61 -12.87
CA GLN A 163 -14.38 -10.36 -14.12
C GLN A 163 -13.91 -9.50 -15.29
N LYS A 164 -14.37 -8.25 -15.33
CA LYS A 164 -13.91 -7.27 -16.33
C LYS A 164 -12.43 -6.97 -16.16
N GLU A 165 -12.01 -6.69 -14.93
CA GLU A 165 -10.60 -6.52 -14.63
C GLU A 165 -9.77 -7.74 -15.07
N LEU A 166 -10.29 -8.95 -14.86
CA LEU A 166 -9.58 -10.16 -15.30
C LEU A 166 -9.27 -10.18 -16.80
N THR A 167 -10.14 -9.61 -17.63
CA THR A 167 -9.90 -9.56 -19.10
C THR A 167 -8.67 -8.72 -19.46
N LYS A 168 -8.28 -7.82 -18.55
CA LYS A 168 -7.14 -6.92 -18.78
C LYS A 168 -5.81 -7.50 -18.30
N LEU A 169 -5.85 -8.71 -17.74
CA LEU A 169 -4.67 -9.30 -17.10
C LEU A 169 -3.47 -9.46 -18.05
N ARG A 170 -3.69 -10.04 -19.23
CA ARG A 170 -2.62 -10.19 -20.26
C ARG A 170 -2.00 -8.86 -20.69
N ASP A 171 -2.81 -7.78 -20.70
CA ASP A 171 -2.28 -6.44 -21.00
C ASP A 171 -1.46 -5.88 -19.86
N HIS A 172 -1.92 -6.09 -18.62
CA HIS A 172 -1.16 -5.69 -17.42
C HIS A 172 0.21 -6.35 -17.38
N LEU A 173 0.30 -7.56 -17.94
CA LEU A 173 1.53 -8.35 -17.88
C LEU A 173 2.63 -7.73 -18.74
N LYS A 174 2.25 -7.23 -19.91
CA LYS A 174 3.16 -6.43 -20.74
C LYS A 174 3.91 -5.38 -19.92
N GLU A 175 3.25 -4.79 -18.92
CA GLU A 175 3.85 -3.70 -18.13
C GLU A 175 4.28 -4.03 -16.70
N ASN A 176 3.72 -5.08 -16.11
CA ASN A 176 4.02 -5.45 -14.71
C ASN A 176 4.08 -6.95 -14.45
N THR A 177 4.68 -7.32 -13.33
CA THR A 177 4.42 -8.62 -12.75
C THR A 177 3.22 -8.42 -11.82
N VAL A 178 2.19 -9.24 -12.04
CA VAL A 178 0.95 -9.16 -11.28
C VAL A 178 0.91 -10.19 -10.16
N ARG A 179 0.62 -9.74 -8.95
CA ARG A 179 0.26 -10.62 -7.85
C ARG A 179 -1.24 -10.53 -7.58
N MET A 180 -1.97 -11.49 -8.14
CA MET A 180 -3.40 -11.51 -7.97
C MET A 180 -3.79 -12.20 -6.64
N VAL A 181 -4.53 -11.48 -5.80
CA VAL A 181 -4.96 -11.97 -4.51
C VAL A 181 -6.47 -12.23 -4.59
N VAL A 182 -6.85 -13.50 -4.70
CA VAL A 182 -8.24 -13.89 -4.94
C VAL A 182 -8.94 -14.13 -3.60
N VAL A 183 -9.86 -13.24 -3.26
CA VAL A 183 -10.47 -13.24 -1.94
C VAL A 183 -11.89 -13.84 -1.96
N GLY A 184 -12.36 -14.25 -0.78
CA GLY A 184 -13.72 -14.71 -0.60
C GLY A 184 -14.55 -13.64 0.10
N TRP A 185 -14.68 -12.47 -0.54
CA TRP A 185 -15.16 -11.24 0.12
C TRP A 185 -16.67 -11.01 0.02
N LEU A 186 -17.25 -11.35 -1.13
CA LEU A 186 -18.63 -10.93 -1.39
C LEU A 186 -19.73 -11.88 -0.90
N GLY A 187 -19.35 -13.12 -0.57
CA GLY A 187 -20.30 -14.11 -0.04
C GLY A 187 -19.73 -15.51 -0.06
N VAL A 188 -20.60 -16.51 0.10
CA VAL A 188 -20.18 -17.90 0.24
C VAL A 188 -19.56 -18.45 -1.05
N ASN A 189 -20.19 -18.17 -2.17
CA ASN A 189 -19.68 -18.64 -3.46
C ASN A 189 -18.30 -18.05 -3.81
N SER A 190 -18.04 -16.82 -3.34
CA SER A 190 -16.73 -16.17 -3.49
C SER A 190 -15.67 -16.99 -2.74
N ALA A 191 -15.93 -17.25 -1.46
CA ALA A 191 -15.01 -18.03 -0.63
C ALA A 191 -14.74 -19.40 -1.23
N LYS A 192 -15.80 -20.06 -1.69
CA LYS A 192 -15.68 -21.38 -2.31
C LYS A 192 -14.86 -21.34 -3.59
N LYS A 193 -15.13 -20.39 -4.46
CA LYS A 193 -14.32 -20.24 -5.64
C LYS A 193 -12.87 -19.87 -5.32
N ALA A 194 -12.67 -18.95 -4.38
CA ALA A 194 -11.30 -18.63 -3.94
C ALA A 194 -10.56 -19.88 -3.45
N ALA A 195 -11.25 -20.72 -2.66
CA ALA A 195 -10.69 -22.01 -2.18
C ALA A 195 -10.26 -22.94 -3.30
N LEU A 196 -11.12 -23.09 -4.31
CA LEU A 196 -10.85 -23.94 -5.47
C LEU A 196 -9.67 -23.39 -6.25
N ILE A 197 -9.61 -22.07 -6.37
CA ILE A 197 -8.47 -21.43 -7.01
C ILE A 197 -7.16 -21.75 -6.26
N GLN A 198 -7.18 -21.67 -4.92
CA GLN A 198 -5.99 -21.99 -4.11
C GLN A 198 -5.58 -23.45 -4.37
N GLU A 199 -6.57 -24.35 -4.35
CA GLU A 199 -6.29 -25.79 -4.57
C GLU A 199 -5.73 -26.03 -5.95
N GLU A 200 -6.36 -25.41 -6.94
CA GLU A 200 -5.95 -25.62 -8.32
C GLU A 200 -4.58 -24.99 -8.62
N MET A 201 -4.26 -23.85 -8.01
CA MET A 201 -2.94 -23.23 -8.16
C MET A 201 -1.81 -24.06 -7.54
N ALA A 202 -2.06 -24.64 -6.38
CA ALA A 202 -1.12 -25.59 -5.75
C ALA A 202 -0.75 -26.74 -6.70
N LYS A 203 -1.77 -27.38 -7.29
CA LYS A 203 -1.54 -28.46 -8.29
C LYS A 203 -0.80 -27.94 -9.51
N ALA A 204 -1.21 -26.78 -10.01
CA ALA A 204 -0.55 -26.17 -11.17
C ALA A 204 0.92 -25.87 -10.92
N ARG A 205 1.25 -25.32 -9.76
CA ARG A 205 2.66 -25.06 -9.41
C ARG A 205 3.44 -26.39 -9.34
N ALA A 206 2.88 -27.36 -8.61
CA ALA A 206 3.47 -28.69 -8.43
C ALA A 206 3.84 -29.34 -9.77
N ARG A 207 2.98 -29.20 -10.78
CA ARG A 207 3.31 -29.73 -12.12
C ARG A 207 4.07 -28.75 -13.04
N GLY A 208 4.49 -27.60 -12.51
CA GLY A 208 5.24 -26.63 -13.29
C GLY A 208 4.44 -25.97 -14.42
N ALA A 209 3.17 -25.67 -14.14
CA ALA A 209 2.29 -25.01 -15.14
C ALA A 209 2.80 -23.64 -15.64
N SER A 210 2.46 -23.28 -16.86
CA SER A 210 2.85 -21.99 -17.43
C SER A 210 1.96 -20.84 -16.94
N VAL A 211 2.35 -19.61 -17.26
CA VAL A 211 1.52 -18.43 -16.99
C VAL A 211 0.13 -18.58 -17.62
N GLU A 212 0.10 -18.94 -18.90
CA GLU A 212 -1.14 -19.17 -19.65
C GLU A 212 -2.07 -20.19 -19.00
N ASP A 213 -1.49 -21.29 -18.49
CA ASP A 213 -2.25 -22.31 -17.79
C ASP A 213 -2.92 -21.72 -16.54
N LYS A 214 -2.19 -20.86 -15.82
CA LYS A 214 -2.72 -20.27 -14.59
C LYS A 214 -3.84 -19.31 -14.91
N ILE A 215 -3.67 -18.48 -15.94
CA ILE A 215 -4.74 -17.58 -16.39
C ILE A 215 -5.97 -18.35 -16.81
N SER A 216 -5.79 -19.45 -17.55
CA SER A 216 -6.93 -20.30 -17.94
C SER A 216 -7.67 -20.85 -16.74
N ILE A 217 -6.93 -21.25 -15.70
CA ILE A 217 -7.57 -21.69 -14.46
C ILE A 217 -8.45 -20.56 -13.91
N LEU A 218 -7.91 -19.34 -13.88
CA LEU A 218 -8.66 -18.20 -13.35
C LEU A 218 -9.93 -17.91 -14.17
N GLU A 219 -9.77 -17.84 -15.49
CA GLU A 219 -10.91 -17.64 -16.41
C GLU A 219 -11.93 -18.75 -16.29
N LYS A 220 -11.46 -19.99 -16.23
CA LYS A 220 -12.38 -21.13 -16.04
C LYS A 220 -13.25 -20.89 -14.80
N ILE A 221 -12.62 -20.57 -13.66
CA ILE A 221 -13.37 -20.48 -12.39
C ILE A 221 -14.14 -19.16 -12.21
N TYR A 222 -13.59 -18.07 -12.76
CA TYR A 222 -14.26 -16.78 -12.71
C TYR A 222 -15.54 -16.73 -13.58
N SER A 223 -15.57 -17.58 -14.61
CA SER A 223 -16.73 -17.65 -15.50
C SER A 223 -18.02 -17.76 -14.71
N THR A 224 -18.97 -16.91 -15.04
CA THR A 224 -20.31 -16.97 -14.46
C THR A 224 -21.00 -18.32 -14.64
N GLN A 225 -20.66 -19.05 -15.69
CA GLN A 225 -21.27 -20.36 -15.96
C GLN A 225 -20.59 -21.50 -15.22
N TYR A 226 -19.45 -21.23 -14.58
CA TYR A 226 -18.76 -22.25 -13.79
C TYR A 226 -19.63 -22.76 -12.65
N ASP A 227 -20.01 -24.03 -12.75
CA ASP A 227 -20.91 -24.66 -11.81
C ASP A 227 -20.21 -24.91 -10.48
N ILE A 228 -20.34 -23.92 -9.60
CA ILE A 228 -19.65 -23.93 -8.33
C ILE A 228 -20.11 -25.07 -7.38
N ASN A 229 -21.41 -25.33 -7.35
CA ASN A 229 -21.94 -26.41 -6.50
C ASN A 229 -21.59 -27.82 -6.98
N ALA A 230 -21.22 -27.95 -8.26
CA ALA A 230 -20.80 -29.22 -8.85
C ALA A 230 -19.37 -29.60 -8.45
N GLN A 231 -18.74 -28.79 -7.60
CA GLN A 231 -17.37 -29.04 -7.15
C GLN A 231 -17.36 -29.35 -5.67
N LYS A 232 -16.50 -30.27 -5.27
CA LYS A 232 -16.26 -30.50 -3.84
C LYS A 232 -15.26 -29.47 -3.34
N GLU A 233 -15.61 -28.83 -2.23
CA GLU A 233 -14.84 -27.71 -1.69
C GLU A 233 -13.91 -28.17 -0.59
N PRO A 234 -12.58 -28.00 -0.78
CA PRO A 234 -11.62 -28.35 0.28
C PRO A 234 -11.79 -27.46 1.52
N GLU A 235 -12.00 -28.10 2.67
CA GLU A 235 -12.37 -27.44 3.93
C GLU A 235 -11.26 -26.57 4.50
N ASP A 236 -10.06 -27.15 4.55
CA ASP A 236 -8.84 -26.50 5.00
C ASP A 236 -8.61 -25.17 4.25
N LEU A 237 -8.72 -25.22 2.93
CA LEU A 237 -8.45 -24.06 2.11
C LEU A 237 -9.52 -22.98 2.29
N ARG A 238 -10.77 -23.38 2.51
CA ARG A 238 -11.84 -22.39 2.72
C ARG A 238 -11.57 -21.56 3.97
N THR A 239 -11.11 -22.20 5.04
CA THR A 239 -10.71 -21.50 6.26
C THR A 239 -9.54 -20.54 6.04
N LYS A 240 -8.53 -20.99 5.29
CA LYS A 240 -7.39 -20.16 4.91
C LYS A 240 -7.87 -18.93 4.10
N VAL A 241 -8.75 -19.18 3.14
CA VAL A 241 -9.41 -18.09 2.39
C VAL A 241 -10.14 -17.13 3.33
N GLU A 242 -10.96 -17.67 4.23
CA GLU A 242 -11.74 -16.84 5.15
C GLU A 242 -10.84 -15.97 6.04
N ASN A 243 -9.77 -16.55 6.57
CA ASN A 243 -8.81 -15.82 7.43
C ASN A 243 -7.99 -14.79 6.66
N THR A 244 -7.48 -15.18 5.49
CA THR A 244 -6.71 -14.26 4.68
C THR A 244 -7.57 -13.03 4.26
N THR A 245 -8.81 -13.30 3.85
CA THR A 245 -9.73 -12.28 3.37
C THR A 245 -10.10 -11.31 4.50
N LYS A 246 -10.45 -11.87 5.67
CA LYS A 246 -10.78 -11.05 6.86
C LYS A 246 -9.72 -10.01 7.17
N LYS A 247 -8.45 -10.40 7.04
CA LYS A 247 -7.29 -9.58 7.42
C LYS A 247 -6.94 -8.51 6.39
N ILE A 248 -7.20 -8.82 5.12
CA ILE A 248 -7.08 -7.83 4.06
C ILE A 248 -8.08 -6.69 4.28
N PHE A 249 -9.31 -7.03 4.63
CA PHE A 249 -10.40 -6.03 4.69
C PHE A 249 -10.66 -5.46 6.10
N GLU A 250 -9.96 -5.97 7.10
CA GLU A 250 -10.13 -5.61 8.51
C GLU A 250 -10.06 -4.12 8.84
N SER A 251 -9.00 -3.46 8.37
CA SER A 251 -8.71 -2.08 8.78
C SER A 251 -9.59 -1.07 8.06
N GLY A 252 -10.10 -1.45 6.91
CA GLY A 252 -10.92 -0.53 6.13
C GLY A 252 -10.06 0.38 5.29
N VAL A 253 -8.77 0.07 5.23
CA VAL A 253 -7.86 0.72 4.29
C VAL A 253 -8.15 0.27 2.86
N ILE A 254 -8.63 -0.97 2.72
CA ILE A 254 -9.12 -1.50 1.45
C ILE A 254 -10.61 -1.74 1.68
N LYS A 255 -11.44 -1.07 0.87
CA LYS A 255 -12.87 -1.06 1.10
C LYS A 255 -13.68 -1.80 0.01
N GLY A 256 -13.01 -2.24 -1.05
CA GLY A 256 -13.70 -2.94 -2.14
C GLY A 256 -12.80 -3.49 -3.21
N VAL A 257 -13.41 -4.15 -4.19
CA VAL A 257 -12.67 -4.82 -5.25
C VAL A 257 -13.26 -4.42 -6.61
N PRO A 258 -12.48 -4.55 -7.70
CA PRO A 258 -11.06 -4.90 -7.73
C PRO A 258 -10.23 -3.75 -7.15
N PHE A 259 -9.26 -4.08 -6.31
CA PHE A 259 -8.34 -3.09 -5.75
C PHE A 259 -6.96 -3.32 -6.36
N LEU A 260 -6.45 -2.31 -7.07
CA LEU A 260 -5.10 -2.42 -7.63
C LEU A 260 -4.11 -1.57 -6.82
N TYR A 261 -2.90 -2.08 -6.64
CA TYR A 261 -1.88 -1.38 -5.87
C TYR A 261 -0.51 -1.65 -6.47
N HIS A 262 0.11 -0.59 -6.97
CA HIS A 262 1.52 -0.64 -7.41
C HIS A 262 2.39 -0.63 -6.18
N TYR A 263 3.16 -1.72 -6.00
CA TYR A 263 4.09 -1.86 -4.87
C TYR A 263 5.50 -1.47 -5.31
#